data_2QG6
#
_entry.id   2QG6
#
_cell.length_a   54.725
_cell.length_b   141.526
_cell.length_c   62.091
_cell.angle_alpha   90.000
_cell.angle_beta   90.000
_cell.angle_gamma   90.000
#
_symmetry.space_group_name_H-M   'C 2 2 21'
#
loop_
_entity.id
_entity.type
_entity.pdbx_description
1 polymer 'Nicotinamide riboside kinase 1'
2 non-polymer 'PHOSPHATE ION'
3 non-polymer 'BETA-NICOTINAMIDE RIBOSE MONOPHOSPHATE'
4 water water
#
_entity_poly.entity_id   1
_entity_poly.type   'polypeptide(L)'
_entity_poly.pdbx_seq_one_letter_code
;(MSE)KTFIIGISGVTNSGKTTLAKNLQKHLPNCSVISQDDFFKPESEIETDKNGFLQYDVLEALN(MSE)EK(MSE)
(MSE)SAISCW(MSE)ESARHSVVSTDQESAEEIPILIIEGFLLFNYKPLDTIWNRSYFLTIPYEECKRRRSTRVYQPPD
SPGYFDGHVWP(MSE)YLKYRQE(MSE)QDITWEVVYLDGTKSEEDLFLQVYEDLIQELAKQKCLQVTA
;
_entity_poly.pdbx_strand_id   A
#
loop_
_chem_comp.id
_chem_comp.type
_chem_comp.name
_chem_comp.formula
NMN non-polymer 'BETA-NICOTINAMIDE RIBOSE MONOPHOSPHATE' 'C11 H16 N2 O8 P 1'
PO4 non-polymer 'PHOSPHATE ION' 'O4 P -3'
#
# COMPACT_ATOMS: atom_id res chain seq x y z
N LYS A 2 16.91 2.83 15.11
CA LYS A 2 17.71 3.59 14.12
C LYS A 2 16.84 4.05 12.95
N THR A 3 15.93 3.18 12.50
CA THR A 3 15.05 3.52 11.38
C THR A 3 13.59 3.49 11.81
N PHE A 4 12.74 4.09 10.97
CA PHE A 4 11.31 4.12 11.24
C PHE A 4 10.63 3.77 9.93
N ILE A 5 9.92 2.66 9.92
CA ILE A 5 9.24 2.20 8.70
C ILE A 5 7.73 2.32 8.82
N ILE A 6 7.14 2.99 7.84
CA ILE A 6 5.71 3.24 7.76
C ILE A 6 5.07 2.45 6.64
N GLY A 7 3.93 1.84 6.92
CA GLY A 7 3.22 1.11 5.90
C GLY A 7 1.91 1.80 5.58
N ILE A 8 1.64 2.02 4.31
CA ILE A 8 0.39 2.63 3.90
C ILE A 8 -0.28 1.68 2.91
N SER A 9 -1.32 1.01 3.35
CA SER A 9 -2.03 0.12 2.46
C SER A 9 -3.45 0.64 2.33
N GLY A 10 -4.34 -0.17 1.77
CA GLY A 10 -5.71 0.26 1.61
C GLY A 10 -6.30 -0.27 0.32
N VAL A 11 -7.56 0.04 0.09
CA VAL A 11 -8.24 -0.40 -1.11
C VAL A 11 -7.61 0.27 -2.34
N THR A 12 -7.82 -0.32 -3.50
CA THR A 12 -7.30 0.21 -4.75
C THR A 12 -7.74 1.66 -4.98
N ASN A 13 -6.88 2.44 -5.64
CA ASN A 13 -7.21 3.81 -6.02
C ASN A 13 -7.80 4.63 -4.87
N SER A 14 -7.11 4.68 -3.74
CA SER A 14 -7.60 5.43 -2.58
C SER A 14 -6.68 6.56 -2.11
N GLY A 15 -5.72 6.95 -2.94
CA GLY A 15 -4.81 8.02 -2.58
C GLY A 15 -3.60 7.61 -1.77
N LYS A 16 -3.23 6.34 -1.85
CA LYS A 16 -2.08 5.83 -1.11
C LYS A 16 -0.75 6.44 -1.54
N THR A 17 -0.51 6.51 -2.84
CA THR A 17 0.74 7.06 -3.34
C THR A 17 0.84 8.55 -3.03
N THR A 18 -0.27 9.27 -3.22
CA THR A 18 -0.28 10.70 -2.94
C THR A 18 -0.03 10.96 -1.45
N LEU A 19 -0.63 10.17 -0.58
CA LEU A 19 -0.41 10.35 0.84
C LEU A 19 1.07 10.10 1.18
N ALA A 20 1.65 9.04 0.61
CA ALA A 20 3.05 8.73 0.86
C ALA A 20 3.94 9.89 0.40
N LYS A 21 3.65 10.43 -0.79
CA LYS A 21 4.45 11.52 -1.32
C LYS A 21 4.28 12.80 -0.52
N ASN A 22 3.07 13.08 -0.05
CA ASN A 22 2.86 14.28 0.75
C ASN A 22 3.59 14.15 2.09
N LEU A 23 3.56 12.97 2.68
CA LEU A 23 4.27 12.75 3.93
C LEU A 23 5.76 12.92 3.70
N GLN A 24 6.27 12.32 2.63
CA GLN A 24 7.69 12.40 2.31
C GLN A 24 8.18 13.84 2.17
N LYS A 25 7.38 14.69 1.55
CA LYS A 25 7.77 16.08 1.35
C LYS A 25 7.90 16.83 2.67
N HIS A 26 7.33 16.27 3.73
CA HIS A 26 7.38 16.92 5.04
C HIS A 26 8.17 16.18 6.10
N LEU A 27 8.91 15.17 5.67
CA LEU A 27 9.73 14.38 6.59
C LEU A 27 11.15 14.35 6.05
N PRO A 28 12.14 14.59 6.90
CA PRO A 28 13.52 14.56 6.39
C PRO A 28 14.05 13.14 6.22
N ASN A 29 15.00 12.97 5.31
CA ASN A 29 15.64 11.68 5.06
C ASN A 29 14.60 10.57 4.91
N CYS A 30 13.61 10.82 4.06
CA CYS A 30 12.52 9.90 3.82
C CYS A 30 12.45 9.36 2.39
N SER A 31 12.29 8.04 2.27
CA SER A 31 12.18 7.40 0.98
C SER A 31 10.83 6.70 0.86
N VAL A 32 10.39 6.44 -0.36
CA VAL A 32 9.13 5.77 -0.60
C VAL A 32 9.30 4.60 -1.56
N ILE A 33 8.78 3.43 -1.19
CA ILE A 33 8.81 2.26 -2.07
C ILE A 33 7.36 1.95 -2.40
N SER A 34 7.05 1.84 -3.68
CA SER A 34 5.68 1.57 -4.14
C SER A 34 5.52 0.13 -4.60
N GLN A 35 4.56 -0.56 -4.00
CA GLN A 35 4.31 -1.95 -4.35
C GLN A 35 3.95 -2.14 -5.82
N ASP A 36 3.32 -1.14 -6.43
CA ASP A 36 2.93 -1.23 -7.84
C ASP A 36 4.11 -1.39 -8.78
N ASP A 37 5.32 -1.07 -8.30
CA ASP A 37 6.51 -1.21 -9.13
C ASP A 37 6.98 -2.66 -9.16
N PHE A 38 6.29 -3.54 -8.46
CA PHE A 38 6.68 -4.94 -8.40
C PHE A 38 5.70 -5.94 -8.98
N PHE A 39 4.76 -5.44 -9.80
CA PHE A 39 3.80 -6.30 -10.45
C PHE A 39 4.52 -7.09 -11.55
N LYS A 40 4.11 -8.33 -11.73
CA LYS A 40 4.72 -9.17 -12.78
C LYS A 40 4.12 -8.72 -14.10
N PRO A 41 4.79 -9.04 -15.23
CA PRO A 41 4.25 -8.65 -16.53
C PRO A 41 2.95 -9.40 -16.82
N GLU A 42 2.10 -8.79 -17.64
CA GLU A 42 0.81 -9.41 -17.98
C GLU A 42 0.95 -10.87 -18.40
N SER A 43 2.01 -11.16 -19.15
CA SER A 43 2.24 -12.52 -19.63
C SER A 43 2.42 -13.54 -18.49
N GLU A 44 2.76 -13.05 -17.30
CA GLU A 44 2.96 -13.92 -16.15
C GLU A 44 1.74 -14.00 -15.24
N ILE A 45 0.72 -13.22 -15.56
CA ILE A 45 -0.50 -13.20 -14.76
C ILE A 45 -1.45 -14.33 -15.16
N GLU A 46 -2.04 -14.98 -14.16
CA GLU A 46 -2.97 -16.08 -14.39
C GLU A 46 -4.40 -15.57 -14.53
N THR A 47 -5.30 -16.43 -15.01
CA THR A 47 -6.69 -16.08 -15.18
C THR A 47 -7.58 -17.04 -14.40
N ASP A 48 -8.71 -16.54 -13.89
CA ASP A 48 -9.62 -17.39 -13.13
C ASP A 48 -10.58 -18.13 -14.06
N LYS A 49 -11.53 -18.85 -13.47
CA LYS A 49 -12.52 -19.61 -14.22
C LYS A 49 -13.32 -18.77 -15.20
N ASN A 50 -13.47 -17.48 -14.91
CA ASN A 50 -14.25 -16.60 -15.78
C ASN A 50 -13.40 -15.77 -16.74
N GLY A 51 -12.11 -16.07 -16.80
CA GLY A 51 -11.23 -15.35 -17.71
C GLY A 51 -10.61 -14.07 -17.17
N PHE A 52 -10.87 -13.76 -15.91
CA PHE A 52 -10.32 -12.54 -15.31
C PHE A 52 -8.85 -12.68 -14.92
N LEU A 53 -8.06 -11.68 -15.26
CA LEU A 53 -6.64 -11.67 -14.92
C LEU A 53 -6.52 -11.55 -13.40
N GLN A 54 -5.71 -12.41 -12.79
CA GLN A 54 -5.52 -12.40 -11.35
C GLN A 54 -4.45 -11.40 -10.91
N TYR A 55 -4.80 -10.13 -10.87
CA TYR A 55 -3.86 -9.09 -10.46
C TYR A 55 -3.95 -8.71 -8.99
N ASP A 56 -5.10 -8.93 -8.37
CA ASP A 56 -5.29 -8.53 -6.98
C ASP A 56 -5.02 -9.58 -5.92
N VAL A 57 -3.92 -10.31 -6.10
CA VAL A 57 -3.49 -11.34 -5.17
C VAL A 57 -1.97 -11.24 -5.09
N LEU A 58 -1.38 -11.74 -4.00
CA LEU A 58 0.07 -11.66 -3.85
C LEU A 58 0.84 -12.35 -4.97
N GLU A 59 0.23 -13.36 -5.58
CA GLU A 59 0.88 -14.09 -6.66
C GLU A 59 1.15 -13.25 -7.91
N ALA A 60 0.50 -12.10 -8.01
CA ALA A 60 0.68 -11.21 -9.15
C ALA A 60 1.89 -10.30 -8.96
N LEU A 61 2.48 -10.35 -7.78
CA LEU A 61 3.60 -9.49 -7.44
C LEU A 61 4.90 -10.23 -7.12
N ASN A 62 6.03 -9.63 -7.50
CA ASN A 62 7.33 -10.23 -7.20
C ASN A 62 7.73 -9.64 -5.85
N MSE A 63 7.21 -10.24 -4.79
CA MSE A 63 7.50 -9.76 -3.45
C MSE A 63 8.93 -10.02 -3.00
O MSE A 63 9.44 -9.31 -2.13
CB MSE A 63 6.50 -10.36 -2.46
CG MSE A 63 5.07 -9.89 -2.68
SE MSE A 63 4.90 -7.95 -2.62
CE MSE A 63 4.88 -7.75 -0.70
N GLU A 64 9.58 -11.01 -3.59
CA GLU A 64 10.96 -11.28 -3.22
C GLU A 64 11.80 -10.10 -3.72
N LYS A 65 11.43 -9.59 -4.90
CA LYS A 65 12.13 -8.45 -5.48
C LYS A 65 11.87 -7.22 -4.62
N MSE A 66 10.65 -7.10 -4.09
CA MSE A 66 10.34 -5.97 -3.25
C MSE A 66 11.11 -6.06 -1.93
O MSE A 66 11.56 -5.05 -1.41
CB MSE A 66 8.83 -5.88 -2.99
CG MSE A 66 8.43 -4.60 -2.28
SE MSE A 66 6.54 -4.37 -2.04
CE MSE A 66 6.51 -2.45 -1.88
N MSE A 67 11.26 -7.27 -1.39
CA MSE A 67 12.01 -7.41 -0.15
C MSE A 67 13.46 -6.99 -0.40
O MSE A 67 14.10 -6.37 0.45
CB MSE A 67 11.98 -8.86 0.37
CG MSE A 67 10.67 -9.24 1.07
SE MSE A 67 10.82 -10.88 2.11
CE MSE A 67 11.79 -10.21 3.61
N SER A 68 13.98 -7.31 -1.58
CA SER A 68 15.33 -6.93 -1.93
C SER A 68 15.44 -5.40 -1.95
N ALA A 69 14.42 -4.74 -2.48
CA ALA A 69 14.41 -3.27 -2.55
C ALA A 69 14.40 -2.67 -1.15
N ILE A 70 13.64 -3.29 -0.25
CA ILE A 70 13.57 -2.82 1.12
C ILE A 70 14.93 -3.01 1.80
N SER A 71 15.56 -4.15 1.57
CA SER A 71 16.88 -4.41 2.15
C SER A 71 17.89 -3.40 1.61
N CYS A 72 17.76 -3.03 0.34
CA CYS A 72 18.66 -2.04 -0.24
C CYS A 72 18.47 -0.70 0.46
N TRP A 73 17.23 -0.34 0.77
CA TRP A 73 17.00 0.92 1.46
C TRP A 73 17.66 0.87 2.84
N MSE A 74 17.52 -0.26 3.52
CA MSE A 74 18.09 -0.43 4.85
C MSE A 74 19.60 -0.21 4.86
O MSE A 74 20.14 0.39 5.79
CB MSE A 74 17.77 -1.82 5.36
CG MSE A 74 16.29 -2.03 5.55
SE MSE A 74 15.88 -1.94 7.40
CE MSE A 74 15.51 -3.80 7.64
N GLU A 75 20.28 -0.72 3.84
CA GLU A 75 21.72 -0.57 3.73
C GLU A 75 22.06 0.91 3.49
N SER A 76 21.31 1.54 2.60
CA SER A 76 21.53 2.95 2.30
C SER A 76 21.30 3.81 3.55
N ALA A 77 20.23 3.49 4.29
CA ALA A 77 19.89 4.24 5.49
C ALA A 77 21.04 4.31 6.49
N ARG A 78 21.80 3.21 6.58
CA ARG A 78 22.93 3.15 7.51
C ARG A 78 23.99 4.20 7.22
N HIS A 79 24.07 4.64 5.97
CA HIS A 79 25.08 5.63 5.59
C HIS A 79 24.51 7.02 5.33
N SER A 80 23.20 7.19 5.53
CA SER A 80 22.54 8.46 5.27
C SER A 80 22.80 9.53 6.33
N VAL A 81 23.37 9.14 7.45
CA VAL A 81 23.68 10.08 8.53
C VAL A 81 25.17 9.97 8.87
N VAL A 82 25.85 11.11 8.89
CA VAL A 82 27.28 11.13 9.19
C VAL A 82 27.53 11.46 10.65
N ILE A 92 16.56 10.55 11.89
CA ILE A 92 16.27 9.12 11.77
C ILE A 92 15.78 8.80 10.35
N PRO A 93 16.38 7.80 9.70
CA PRO A 93 15.96 7.43 8.34
C PRO A 93 14.55 6.87 8.35
N ILE A 94 13.71 7.37 7.45
CA ILE A 94 12.32 6.94 7.37
C ILE A 94 12.01 6.32 6.00
N LEU A 95 11.32 5.19 6.03
CA LEU A 95 10.91 4.52 4.80
C LEU A 95 9.41 4.36 4.82
N ILE A 96 8.76 4.75 3.74
CA ILE A 96 7.32 4.59 3.62
C ILE A 96 7.12 3.56 2.51
N ILE A 97 6.44 2.47 2.83
CA ILE A 97 6.14 1.44 1.84
C ILE A 97 4.64 1.54 1.62
N GLU A 98 4.23 1.78 0.38
CA GLU A 98 2.81 1.91 0.12
C GLU A 98 2.33 0.95 -0.97
N GLY A 99 1.17 0.36 -0.75
CA GLY A 99 0.62 -0.57 -1.72
C GLY A 99 -0.68 -1.17 -1.25
N PHE A 100 -1.48 -1.64 -2.20
CA PHE A 100 -2.78 -2.21 -1.88
C PHE A 100 -2.79 -3.59 -1.22
N LEU A 101 -1.64 -4.26 -1.17
CA LEU A 101 -1.59 -5.60 -0.60
C LEU A 101 -0.34 -5.84 0.24
N LEU A 102 -0.21 -5.07 1.31
CA LEU A 102 0.97 -5.17 2.17
C LEU A 102 0.78 -5.87 3.50
N PHE A 103 -0.41 -5.74 4.07
CA PHE A 103 -0.64 -6.30 5.40
C PHE A 103 -1.04 -7.76 5.55
N ASN A 104 -0.96 -8.51 4.46
CA ASN A 104 -1.26 -9.94 4.50
C ASN A 104 0.02 -10.67 4.09
N TYR A 105 1.13 -9.94 4.00
CA TYR A 105 2.41 -10.52 3.62
C TYR A 105 3.22 -10.78 4.90
N LYS A 106 3.18 -12.03 5.36
CA LYS A 106 3.84 -12.45 6.58
C LYS A 106 5.30 -12.06 6.81
N PRO A 107 6.16 -12.18 5.79
CA PRO A 107 7.56 -11.80 6.02
C PRO A 107 7.78 -10.39 6.55
N LEU A 108 6.84 -9.50 6.26
CA LEU A 108 6.96 -8.11 6.70
C LEU A 108 6.12 -7.73 7.92
N ASP A 109 5.47 -8.72 8.53
CA ASP A 109 4.61 -8.41 9.67
C ASP A 109 5.27 -7.68 10.85
N THR A 110 6.57 -7.84 11.01
CA THR A 110 7.26 -7.18 12.11
C THR A 110 8.09 -5.95 11.70
N ILE A 111 8.02 -5.58 10.42
CA ILE A 111 8.80 -4.42 9.95
C ILE A 111 8.13 -3.09 10.25
N TRP A 112 6.80 -3.09 10.35
CA TRP A 112 6.05 -1.86 10.56
C TRP A 112 6.15 -1.15 11.90
N ASN A 113 6.52 0.12 11.88
CA ASN A 113 6.58 0.93 13.11
C ASN A 113 5.23 1.62 13.24
N ARG A 114 4.58 1.88 12.11
CA ARG A 114 3.26 2.48 12.10
C ARG A 114 2.58 2.02 10.81
N SER A 115 1.29 1.69 10.90
CA SER A 115 0.55 1.18 9.75
C SER A 115 -0.75 1.94 9.53
N TYR A 116 -0.98 2.38 8.30
CA TYR A 116 -2.20 3.11 7.95
C TYR A 116 -2.92 2.36 6.84
N PHE A 117 -4.25 2.45 6.82
CA PHE A 117 -5.02 1.74 5.82
C PHE A 117 -6.16 2.60 5.30
N LEU A 118 -6.09 2.98 4.03
CA LEU A 118 -7.11 3.82 3.40
C LEU A 118 -8.32 3.03 2.95
N THR A 119 -9.51 3.47 3.37
CA THR A 119 -10.74 2.80 3.01
C THR A 119 -11.69 3.71 2.26
N ILE A 120 -12.43 3.10 1.33
CA ILE A 120 -13.45 3.80 0.55
C ILE A 120 -14.54 2.77 0.30
N PRO A 121 -15.81 3.14 0.50
CA PRO A 121 -16.93 2.20 0.29
C PRO A 121 -17.04 1.73 -1.16
N TYR A 122 -17.68 0.58 -1.34
CA TYR A 122 -17.89 -0.02 -2.65
C TYR A 122 -18.31 0.94 -3.76
N GLU A 123 -19.44 1.61 -3.56
CA GLU A 123 -19.96 2.54 -4.57
C GLU A 123 -18.93 3.54 -5.09
N GLU A 124 -18.36 4.32 -4.17
CA GLU A 124 -17.38 5.33 -4.53
C GLU A 124 -16.09 4.75 -5.10
N CYS A 125 -15.65 3.62 -4.56
CA CYS A 125 -14.43 2.98 -5.03
C CYS A 125 -14.59 2.55 -6.49
N LYS A 126 -15.74 1.97 -6.82
CA LYS A 126 -16.01 1.53 -8.17
C LYS A 126 -16.02 2.74 -9.12
N ARG A 127 -16.68 3.81 -8.71
CA ARG A 127 -16.75 5.02 -9.53
C ARG A 127 -15.38 5.59 -9.81
N ARG A 128 -14.53 5.67 -8.78
CA ARG A 128 -13.19 6.21 -8.95
C ARG A 128 -12.33 5.32 -9.83
N ARG A 129 -12.45 4.02 -9.65
CA ARG A 129 -11.67 3.05 -10.43
C ARG A 129 -11.92 3.21 -11.93
N SER A 130 -13.16 3.47 -12.30
CA SER A 130 -13.53 3.62 -13.71
C SER A 130 -12.90 4.84 -14.37
N THR A 131 -12.57 5.85 -13.58
CA THR A 131 -11.97 7.06 -14.13
C THR A 131 -10.46 6.91 -14.29
N ARG A 132 -9.94 5.76 -13.88
CA ARG A 132 -8.51 5.51 -13.98
C ARG A 132 -8.18 4.47 -15.05
N VAL A 133 -7.04 4.64 -15.69
CA VAL A 133 -6.62 3.72 -16.74
C VAL A 133 -5.40 2.91 -16.34
N TYR A 134 -5.53 1.59 -16.38
CA TYR A 134 -4.44 0.70 -16.03
C TYR A 134 -3.89 0.05 -17.31
N GLN A 135 -2.76 -0.64 -17.17
CA GLN A 135 -2.14 -1.32 -18.29
C GLN A 135 -1.77 -2.74 -17.84
N PRO A 136 -2.52 -3.75 -18.31
CA PRO A 136 -3.67 -3.63 -19.22
C PRO A 136 -4.88 -2.95 -18.59
N PRO A 137 -5.76 -2.38 -19.42
CA PRO A 137 -6.96 -1.70 -18.94
C PRO A 137 -7.94 -2.70 -18.30
N ASP A 138 -8.76 -2.23 -17.37
CA ASP A 138 -9.74 -3.09 -16.72
C ASP A 138 -10.68 -3.66 -17.78
N SER A 139 -10.87 -4.97 -17.77
CA SER A 139 -11.78 -5.59 -18.72
C SER A 139 -13.18 -5.26 -18.22
N PRO A 140 -14.20 -5.44 -19.07
CA PRO A 140 -15.55 -5.13 -18.60
C PRO A 140 -15.87 -5.97 -17.35
N GLY A 141 -16.62 -5.38 -16.43
CA GLY A 141 -16.98 -6.09 -15.21
C GLY A 141 -15.82 -6.56 -14.33
N TYR A 142 -14.65 -5.96 -14.54
CA TYR A 142 -13.47 -6.35 -13.77
C TYR A 142 -13.57 -5.99 -12.28
N PHE A 143 -14.23 -4.89 -11.97
CA PHE A 143 -14.36 -4.46 -10.59
C PHE A 143 -15.17 -5.45 -9.73
N ASP A 144 -16.37 -5.77 -10.18
CA ASP A 144 -17.20 -6.70 -9.43
C ASP A 144 -16.75 -8.14 -9.56
N GLY A 145 -16.14 -8.46 -10.70
CA GLY A 145 -15.70 -9.82 -10.93
C GLY A 145 -14.37 -10.20 -10.29
N HIS A 146 -13.52 -9.23 -10.02
CA HIS A 146 -12.21 -9.54 -9.45
C HIS A 146 -11.72 -8.59 -8.36
N VAL A 147 -11.66 -7.30 -8.68
CA VAL A 147 -11.15 -6.31 -7.74
C VAL A 147 -11.82 -6.28 -6.37
N TRP A 148 -13.13 -6.06 -6.33
CA TRP A 148 -13.80 -6.00 -5.05
C TRP A 148 -13.78 -7.33 -4.30
N PRO A 149 -14.04 -8.44 -5.01
CA PRO A 149 -14.00 -9.73 -4.29
C PRO A 149 -12.65 -9.98 -3.64
N MSE A 150 -11.58 -9.63 -4.35
CA MSE A 150 -10.23 -9.83 -3.81
C MSE A 150 -9.96 -8.88 -2.66
O MSE A 150 -9.22 -9.21 -1.74
CB MSE A 150 -9.18 -9.66 -4.90
CG MSE A 150 -9.17 -10.79 -5.93
SE MSE A 150 -8.99 -12.56 -5.15
CE MSE A 150 -10.86 -13.02 -5.01
N TYR A 151 -10.55 -7.69 -2.71
CA TYR A 151 -10.35 -6.73 -1.63
C TYR A 151 -11.03 -7.26 -0.38
N LEU A 152 -12.22 -7.82 -0.55
CA LEU A 152 -12.94 -8.37 0.60
C LEU A 152 -12.15 -9.55 1.16
N LYS A 153 -11.49 -10.31 0.29
CA LYS A 153 -10.69 -11.45 0.73
C LYS A 153 -9.53 -10.91 1.58
N TYR A 154 -8.95 -9.81 1.14
CA TYR A 154 -7.83 -9.18 1.83
C TYR A 154 -8.27 -8.68 3.22
N ARG A 155 -9.41 -8.00 3.28
CA ARG A 155 -9.92 -7.52 4.57
C ARG A 155 -10.25 -8.70 5.46
N GLN A 156 -10.68 -9.81 4.87
CA GLN A 156 -11.00 -11.00 5.65
C GLN A 156 -9.72 -11.55 6.25
N GLU A 157 -8.66 -11.61 5.45
CA GLU A 157 -7.37 -12.10 5.92
C GLU A 157 -6.85 -11.22 7.06
N MSE A 158 -7.14 -9.93 6.97
CA MSE A 158 -6.69 -8.97 7.98
C MSE A 158 -7.46 -9.05 9.31
O MSE A 158 -7.08 -8.41 10.28
CB MSE A 158 -6.77 -7.54 7.45
CG MSE A 158 -5.72 -7.22 6.40
SE MSE A 158 -5.94 -5.46 5.65
CE MSE A 158 -5.73 -4.42 7.26
N GLN A 159 -8.52 -9.84 9.34
CA GLN A 159 -9.30 -9.98 10.56
C GLN A 159 -8.42 -10.59 11.65
N ASP A 160 -7.42 -11.37 11.23
CA ASP A 160 -6.51 -12.01 12.16
C ASP A 160 -5.14 -11.33 12.17
N ILE A 161 -5.09 -10.08 11.75
CA ILE A 161 -3.83 -9.34 11.71
C ILE A 161 -3.22 -9.29 13.11
N THR A 162 -1.89 -9.32 13.18
CA THR A 162 -1.18 -9.35 14.47
C THR A 162 -0.57 -8.05 14.98
N TRP A 163 -0.90 -6.92 14.37
CA TRP A 163 -0.39 -5.64 14.83
C TRP A 163 -1.45 -4.56 14.61
N GLU A 164 -1.23 -3.40 15.21
CA GLU A 164 -2.17 -2.28 15.13
C GLU A 164 -2.17 -1.51 13.82
N VAL A 165 -3.37 -1.28 13.29
CA VAL A 165 -3.54 -0.55 12.05
C VAL A 165 -4.48 0.63 12.27
N VAL A 166 -4.13 1.78 11.72
CA VAL A 166 -4.96 2.97 11.81
C VAL A 166 -5.73 3.04 10.51
N TYR A 167 -7.05 2.90 10.57
CA TYR A 167 -7.87 2.94 9.36
C TYR A 167 -8.28 4.38 9.07
N LEU A 168 -8.17 4.76 7.79
CA LEU A 168 -8.47 6.10 7.35
C LEU A 168 -9.64 6.18 6.36
N ASP A 169 -10.32 7.32 6.37
CA ASP A 169 -11.44 7.54 5.46
C ASP A 169 -10.87 8.15 4.18
N GLY A 170 -10.72 7.32 3.15
CA GLY A 170 -10.18 7.78 1.88
C GLY A 170 -11.01 8.78 1.11
N THR A 171 -12.22 9.08 1.58
CA THR A 171 -13.05 10.05 0.87
C THR A 171 -12.73 11.46 1.36
N LYS A 172 -11.86 11.56 2.35
CA LYS A 172 -11.45 12.86 2.88
C LYS A 172 -10.50 13.48 1.85
N SER A 173 -10.27 14.79 1.95
CA SER A 173 -9.39 15.45 1.00
C SER A 173 -7.93 15.06 1.20
N GLU A 174 -7.12 15.34 0.19
CA GLU A 174 -5.68 15.05 0.20
C GLU A 174 -5.02 15.74 1.39
N GLU A 175 -5.29 17.03 1.58
CA GLU A 175 -4.71 17.78 2.68
C GLU A 175 -5.20 17.28 4.04
N ASP A 176 -6.48 16.94 4.12
CA ASP A 176 -7.08 16.44 5.36
C ASP A 176 -6.35 15.16 5.79
N LEU A 177 -6.20 14.23 4.85
CA LEU A 177 -5.52 12.97 5.13
C LEU A 177 -4.06 13.20 5.50
N PHE A 178 -3.37 14.08 4.77
CA PHE A 178 -1.98 14.36 5.09
C PHE A 178 -1.84 14.89 6.51
N LEU A 179 -2.64 15.89 6.88
CA LEU A 179 -2.55 16.48 8.20
C LEU A 179 -2.85 15.45 9.28
N GLN A 180 -3.91 14.65 9.08
CA GLN A 180 -4.26 13.63 10.05
C GLN A 180 -3.13 12.66 10.31
N VAL A 181 -2.57 12.12 9.23
CA VAL A 181 -1.49 11.16 9.34
C VAL A 181 -0.20 11.78 9.86
N TYR A 182 0.12 12.99 9.40
CA TYR A 182 1.33 13.65 9.86
C TYR A 182 1.26 13.88 11.38
N GLU A 183 0.10 14.33 11.85
CA GLU A 183 -0.12 14.57 13.27
C GLU A 183 0.10 13.30 14.09
N ASP A 184 -0.36 12.18 13.57
CA ASP A 184 -0.19 10.90 14.27
C ASP A 184 1.26 10.44 14.21
N LEU A 185 1.85 10.53 13.02
CA LEU A 185 3.22 10.09 12.82
C LEU A 185 4.23 10.79 13.72
N ILE A 186 4.12 12.11 13.84
CA ILE A 186 5.07 12.83 14.68
C ILE A 186 4.97 12.41 16.14
N GLN A 187 3.79 11.99 16.59
CA GLN A 187 3.64 11.53 17.96
C GLN A 187 4.33 10.18 18.11
N GLU A 188 4.21 9.33 17.09
CA GLU A 188 4.84 8.02 17.12
C GLU A 188 6.36 8.12 17.05
N LEU A 189 6.85 9.06 16.25
CA LEU A 189 8.28 9.26 16.12
C LEU A 189 8.84 9.70 17.47
N ALA A 190 8.07 10.54 18.17
CA ALA A 190 8.46 11.05 19.47
C ALA A 190 8.56 9.93 20.50
N LYS A 191 7.63 8.98 20.44
CA LYS A 191 7.64 7.87 21.38
C LYS A 191 8.83 6.95 21.13
N GLN A 192 9.49 7.14 19.98
CA GLN A 192 10.65 6.35 19.63
C GLN A 192 11.93 7.05 20.05
P PO4 B . -3.52 5.01 -5.09
O1 PO4 B . -2.05 5.11 -4.89
O2 PO4 B . -4.15 4.43 -3.88
O3 PO4 B . -4.07 6.37 -5.32
O4 PO4 B . -3.80 4.15 -6.25
O3P NMN C . -5.01 1.04 -7.54
P NMN C . -3.55 0.77 -6.90
O1P NMN C . -3.65 0.53 -5.42
O2P NMN C . -2.65 1.93 -7.16
O5R NMN C . -2.86 -0.51 -7.61
C5R NMN C . -3.53 -1.75 -7.40
C4R NMN C . -4.35 -2.06 -8.55
O4R NMN C . -3.64 -1.95 -9.89
C3R NMN C . -4.88 -3.48 -8.43
O3R NMN C . -6.22 -3.49 -7.91
C2R NMN C . -4.77 -4.07 -9.86
O2R NMN C . -6.03 -4.65 -10.28
C1R NMN C . -4.30 -2.88 -10.73
N1 NMN C . -3.46 -3.30 -11.97
C2 NMN C . -2.10 -2.85 -11.89
C3 NMN C . -1.22 -3.13 -12.94
C7 NMN C . 0.30 -2.74 -13.07
O7 NMN C . 1.07 -2.99 -13.97
N7 NMN C . 0.68 -2.06 -11.98
C4 NMN C . -1.65 -3.90 -14.17
C5 NMN C . -3.05 -4.31 -14.17
C6 NMN C . -4.02 -4.05 -13.12
#